data_6ABM
#
_entry.id   6ABM
#
_cell.length_a   101.604
_cell.length_b   44.209
_cell.length_c   72.553
_cell.angle_alpha   90.00
_cell.angle_beta   118.48
_cell.angle_gamma   90.00
#
_symmetry.space_group_name_H-M   'C 1 2 1'
#
loop_
_entity.id
_entity.type
_entity.pdbx_description
1 polymer 'Pyrrolysine--tRNA ligase'
2 non-polymer 'MAGNESIUM ION'
3 non-polymer "ADENOSINE-5'-TRIPHOSPHATE"
4 non-polymer '(2S)-2-azanyl-6-[[4-[3-(trifluoromethyl)-1,2-diazirin-3-yl]phenyl]methoxycarbonylamino]hexanoic acid'
5 non-polymer 'POTASSIUM ION'
6 water water
#
_entity_poly.entity_id   1
_entity_poly.type   'polypeptide(L)'
_entity_poly.pdbx_seq_one_letter_code
;GSHMASAPALTKSQTDRLEVLLNPKDEISLNSGKPFRELESELLSRRKKDLQQIYAEERENYLGKLEREITRFFVDRGFL
EIKSPILIPLEYIERMGIDNDTELSKQIFRVDKNFCLRPMLAPNLANYLRKLDRALPDPIKIFEIGPCYRKESDGKEHLE
EFTMLNFCQMGSGCTRENLESIITDFLNHLGIDFKIVGDSCMVFGDTLDVMHGDLELSSAVVGPIPLDREWGIDKPWIGA
GFGLERLLKVKHDFKNIKRAARSGSYYNGISTNL
;
_entity_poly.pdbx_strand_id   A
#
# COMPACT_ATOMS: atom_id res chain seq x y z
N PRO A 8 2.07 5.94 -40.42
CA PRO A 8 3.37 5.49 -39.92
C PRO A 8 3.18 4.83 -38.57
N ALA A 9 4.16 4.04 -38.15
CA ALA A 9 4.05 3.24 -36.95
C ALA A 9 4.84 3.86 -35.81
N LEU A 10 4.37 3.64 -34.57
CA LEU A 10 5.02 4.19 -33.40
C LEU A 10 6.13 3.29 -32.88
N THR A 11 7.26 3.90 -32.54
CA THR A 11 8.32 3.14 -31.92
C THR A 11 7.95 2.82 -30.47
N LYS A 12 8.71 1.90 -29.88
CA LYS A 12 8.55 1.60 -28.46
CA LYS A 12 8.55 1.59 -28.47
C LYS A 12 8.74 2.84 -27.60
N SER A 13 9.74 3.67 -27.91
CA SER A 13 9.96 4.89 -27.13
CA SER A 13 9.95 4.88 -27.12
C SER A 13 8.75 5.81 -27.22
N GLN A 14 8.16 5.91 -28.43
CA GLN A 14 7.01 6.79 -28.60
C GLN A 14 5.79 6.25 -27.86
N THR A 15 5.51 4.96 -27.99
CA THR A 15 4.41 4.35 -27.24
CA THR A 15 4.39 4.40 -27.24
C THR A 15 4.61 4.53 -25.74
N ASP A 16 5.84 4.32 -25.25
CA ASP A 16 6.12 4.51 -23.81
C ASP A 16 5.80 5.93 -23.37
N ARG A 17 6.16 6.92 -24.19
CA ARG A 17 5.88 8.31 -23.84
C ARG A 17 4.37 8.56 -23.78
N LEU A 18 3.64 8.07 -24.76
CA LEU A 18 2.18 8.25 -24.74
C LEU A 18 1.56 7.54 -23.55
N GLU A 19 2.07 6.34 -23.20
CA GLU A 19 1.54 5.64 -22.04
C GLU A 19 1.76 6.41 -20.76
N VAL A 20 2.91 7.08 -20.63
CA VAL A 20 3.14 7.95 -19.47
C VAL A 20 2.07 9.04 -19.35
N LEU A 21 1.65 9.60 -20.49
CA LEU A 21 0.72 10.72 -20.52
C LEU A 21 -0.73 10.28 -20.50
N LEU A 22 -1.01 9.01 -20.76
CA LEU A 22 -2.37 8.51 -20.84
C LEU A 22 -2.93 8.32 -19.45
N ASN A 23 -4.22 8.57 -19.32
CA ASN A 23 -4.85 8.31 -18.05
C ASN A 23 -6.02 7.36 -18.25
N PRO A 24 -6.42 6.62 -17.21
CA PRO A 24 -7.52 5.64 -17.36
C PRO A 24 -8.80 6.21 -17.96
N LYS A 25 -9.13 7.46 -17.66
CA LYS A 25 -10.37 8.05 -18.15
C LYS A 25 -10.32 8.36 -19.64
N ASP A 26 -9.12 8.41 -20.24
CA ASP A 26 -9.04 8.66 -21.67
C ASP A 26 -9.50 7.42 -22.42
N GLU A 27 -10.01 7.64 -23.64
CA GLU A 27 -10.17 6.56 -24.60
C GLU A 27 -9.60 7.09 -25.91
N ILE A 28 -8.31 6.84 -26.13
CA ILE A 28 -7.59 7.24 -27.34
C ILE A 28 -6.86 6.01 -27.86
N SER A 29 -6.97 5.77 -29.16
CA SER A 29 -6.19 4.72 -29.80
C SER A 29 -4.80 5.25 -30.14
N LEU A 30 -3.77 4.61 -29.58
CA LEU A 30 -2.41 5.08 -29.82
C LEU A 30 -1.92 4.72 -31.22
N ASN A 31 -2.40 3.62 -31.78
CA ASN A 31 -1.96 3.14 -33.08
C ASN A 31 -3.07 3.24 -34.13
N SER A 32 -3.85 4.30 -34.06
CA SER A 32 -4.89 4.53 -35.06
C SER A 32 -4.36 5.02 -36.38
N GLY A 33 -3.09 5.45 -36.43
CA GLY A 33 -2.51 6.11 -37.59
C GLY A 33 -2.32 7.59 -37.41
N LYS A 34 -2.94 8.19 -36.41
CA LYS A 34 -2.67 9.58 -36.09
C LYS A 34 -1.20 9.73 -35.71
N PRO A 35 -0.53 10.80 -36.13
CA PRO A 35 0.92 10.88 -35.87
C PRO A 35 1.21 11.09 -34.40
N PHE A 36 2.38 10.58 -33.99
CA PHE A 36 2.84 10.75 -32.62
C PHE A 36 2.72 12.19 -32.15
N ARG A 37 3.12 13.15 -32.99
CA ARG A 37 3.14 14.55 -32.54
C ARG A 37 1.77 15.02 -32.10
N GLU A 38 0.71 14.59 -32.80
CA GLU A 38 -0.63 15.02 -32.42
C GLU A 38 -1.16 14.27 -31.21
N LEU A 39 -0.82 12.98 -31.08
CA LEU A 39 -1.24 12.26 -29.88
C LEU A 39 -0.54 12.81 -28.66
N GLU A 40 0.75 13.12 -28.78
CA GLU A 40 1.46 13.68 -27.65
C GLU A 40 0.93 15.05 -27.29
N SER A 41 0.67 15.93 -28.27
CA SER A 41 0.16 17.26 -27.96
CA SER A 41 0.16 17.26 -27.95
CA SER A 41 0.16 17.26 -27.96
C SER A 41 -1.22 17.17 -27.30
N GLU A 42 -2.08 16.28 -27.80
CA GLU A 42 -3.40 16.12 -27.19
C GLU A 42 -3.29 15.68 -25.74
N LEU A 43 -2.47 14.68 -25.47
CA LEU A 43 -2.34 14.18 -24.10
C LEU A 43 -1.67 15.19 -23.19
N LEU A 44 -0.65 15.89 -23.68
CA LEU A 44 -0.03 16.93 -22.87
C LEU A 44 -1.05 17.99 -22.48
N SER A 45 -1.93 18.38 -23.40
CA SER A 45 -2.93 19.39 -23.08
CA SER A 45 -2.93 19.39 -23.08
CA SER A 45 -2.93 19.39 -23.08
C SER A 45 -3.91 18.87 -22.03
N ARG A 46 -4.36 17.62 -22.15
CA ARG A 46 -5.28 17.07 -21.16
C ARG A 46 -4.63 17.02 -19.78
N ARG A 47 -3.36 16.61 -19.72
CA ARG A 47 -2.70 16.44 -18.43
C ARG A 47 -2.39 17.78 -17.78
N LYS A 48 -2.00 18.78 -18.57
CA LYS A 48 -1.80 20.12 -18.02
C LYS A 48 -3.11 20.65 -17.43
N LYS A 49 -4.21 20.47 -18.16
N LYS A 49 -4.22 20.44 -18.13
CA LYS A 49 -5.52 20.86 -17.63
CA LYS A 49 -5.50 20.90 -17.60
C LYS A 49 -5.82 20.15 -16.32
C LYS A 49 -5.90 20.13 -16.34
N ASP A 50 -5.58 18.84 -16.25
CA ASP A 50 -5.84 18.08 -15.04
C ASP A 50 -5.03 18.60 -13.87
N LEU A 51 -3.76 18.90 -14.09
CA LEU A 51 -2.90 19.36 -13.00
C LEU A 51 -3.28 20.77 -12.57
N GLN A 52 -3.64 21.61 -13.53
CA GLN A 52 -4.10 22.95 -13.19
C GLN A 52 -5.37 22.92 -12.35
N GLN A 53 -6.27 21.97 -12.65
CA GLN A 53 -7.50 21.86 -11.88
C GLN A 53 -7.21 21.38 -10.46
N ILE A 54 -6.29 20.43 -10.32
CA ILE A 54 -5.85 20.00 -8.99
C ILE A 54 -5.31 21.19 -8.20
N TYR A 55 -4.45 21.97 -8.85
CA TYR A 55 -3.80 23.09 -8.15
C TYR A 55 -4.81 24.15 -7.75
N ALA A 56 -5.81 24.39 -8.61
CA ALA A 56 -6.79 25.43 -8.33
C ALA A 56 -7.79 25.01 -7.27
N GLU A 57 -8.09 23.72 -7.15
CA GLU A 57 -9.31 23.33 -6.44
C GLU A 57 -9.18 22.30 -5.32
N GLU A 58 -8.14 21.49 -5.29
CA GLU A 58 -8.15 20.43 -4.29
C GLU A 58 -6.89 20.52 -3.42
N ARG A 59 -5.75 20.35 -4.07
CA ARG A 59 -4.35 20.48 -3.66
C ARG A 59 -3.85 19.35 -2.75
N GLU A 60 -4.65 18.35 -2.45
CA GLU A 60 -4.24 17.30 -1.55
C GLU A 60 -3.66 16.13 -2.32
N ASN A 61 -2.57 15.59 -1.80
CA ASN A 61 -1.92 14.44 -2.38
C ASN A 61 -2.75 13.18 -2.13
N TYR A 62 -2.86 12.30 -3.13
CA TYR A 62 -3.68 11.11 -2.97
C TYR A 62 -3.21 10.25 -1.80
N LEU A 63 -1.91 10.05 -1.66
CA LEU A 63 -1.40 9.19 -0.59
C LEU A 63 -1.67 9.85 0.76
N GLY A 64 -1.42 11.15 0.88
CA GLY A 64 -1.68 11.84 2.13
C GLY A 64 -3.14 11.85 2.48
N LYS A 65 -3.99 12.14 1.51
CA LYS A 65 -5.43 12.19 1.74
C LYS A 65 -5.97 10.83 2.16
N LEU A 66 -5.51 9.76 1.50
CA LEU A 66 -5.98 8.43 1.87
C LEU A 66 -5.52 8.07 3.26
N GLU A 67 -4.27 8.40 3.61
CA GLU A 67 -3.82 8.17 4.98
C GLU A 67 -4.71 8.90 5.98
N ARG A 68 -5.09 10.15 5.72
CA ARG A 68 -5.94 10.90 6.64
C ARG A 68 -7.33 10.27 6.75
N GLU A 69 -7.90 9.83 5.64
CA GLU A 69 -9.21 9.20 5.64
C GLU A 69 -9.19 7.89 6.44
N ILE A 70 -8.15 7.08 6.22
CA ILE A 70 -8.02 5.83 6.96
C ILE A 70 -7.82 6.11 8.44
N THR A 71 -6.98 7.09 8.77
CA THR A 71 -6.73 7.48 10.16
C THR A 71 -8.04 7.82 10.86
N ARG A 72 -8.88 8.65 10.22
CA ARG A 72 -10.14 9.01 10.85
C ARG A 72 -11.00 7.77 11.09
N PHE A 73 -11.06 6.87 10.11
CA PHE A 73 -11.87 5.66 10.23
C PHE A 73 -11.47 4.85 11.46
N PHE A 74 -10.17 4.61 11.63
CA PHE A 74 -9.73 3.78 12.74
C PHE A 74 -9.77 4.51 14.07
N VAL A 75 -9.39 5.79 14.12
CA VAL A 75 -9.53 6.54 15.38
C VAL A 75 -10.97 6.52 15.84
N ASP A 76 -11.92 6.72 14.93
CA ASP A 76 -13.32 6.78 15.30
C ASP A 76 -13.84 5.44 15.78
N ARG A 77 -13.20 4.34 15.40
CA ARG A 77 -13.58 3.02 15.85
CA ARG A 77 -13.59 3.01 15.86
C ARG A 77 -12.80 2.54 17.07
N GLY A 78 -12.06 3.44 17.74
CA GLY A 78 -11.41 3.09 19.00
C GLY A 78 -9.98 2.59 18.92
N PHE A 79 -9.34 2.75 17.78
CA PHE A 79 -7.94 2.34 17.63
C PHE A 79 -7.03 3.53 17.86
N LEU A 80 -5.96 3.31 18.63
CA LEU A 80 -4.95 4.33 18.92
C LEU A 80 -4.02 4.49 17.72
N GLU A 81 -3.77 5.73 17.30
CA GLU A 81 -2.91 6.02 16.15
C GLU A 81 -1.44 5.98 16.57
N ILE A 82 -0.67 5.11 15.96
CA ILE A 82 0.75 4.94 16.26
C ILE A 82 1.58 5.55 15.14
N LYS A 83 2.71 6.15 15.51
CA LYS A 83 3.76 6.52 14.54
C LYS A 83 5.06 6.04 15.15
N SER A 84 5.63 4.98 14.61
CA SER A 84 6.79 4.28 15.14
C SER A 84 7.97 4.42 14.17
N PRO A 85 9.18 4.00 14.57
CA PRO A 85 10.34 4.22 13.71
C PRO A 85 10.26 3.49 12.37
N ILE A 86 10.76 4.15 11.33
CA ILE A 86 10.92 3.50 10.03
C ILE A 86 12.27 2.82 9.93
N LEU A 87 13.28 3.44 10.52
CA LEU A 87 14.62 2.89 10.60
C LEU A 87 14.66 2.04 11.88
N ILE A 88 14.81 0.72 11.73
CA ILE A 88 14.64 -0.23 12.84
C ILE A 88 15.89 -1.09 12.98
N PRO A 89 16.07 -1.73 14.14
CA PRO A 89 17.19 -2.67 14.32
C PRO A 89 17.08 -3.84 13.36
N LEU A 90 18.21 -4.19 12.75
CA LEU A 90 18.26 -5.37 11.88
C LEU A 90 17.88 -6.65 12.63
N GLU A 91 18.10 -6.69 13.95
CA GLU A 91 17.73 -7.84 14.76
C GLU A 91 16.24 -8.17 14.66
N TYR A 92 15.40 -7.20 14.34
CA TYR A 92 13.98 -7.49 14.21
C TYR A 92 13.71 -8.48 13.08
N ILE A 93 14.55 -8.47 12.04
CA ILE A 93 14.31 -9.35 10.88
C ILE A 93 14.38 -10.81 11.29
N GLU A 94 15.52 -11.23 11.83
CA GLU A 94 15.68 -12.62 12.25
C GLU A 94 14.63 -13.00 13.30
N ARG A 95 14.35 -12.08 14.23
CA ARG A 95 13.38 -12.37 15.29
C ARG A 95 11.97 -12.58 14.73
N MET A 96 11.66 -12.05 13.56
CA MET A 96 10.34 -12.22 12.95
CA MET A 96 10.34 -12.23 12.96
C MET A 96 10.21 -13.54 12.19
N GLY A 97 11.22 -14.40 12.23
CA GLY A 97 11.16 -15.64 11.47
C GLY A 97 11.48 -15.48 10.01
N ILE A 98 12.07 -14.36 9.62
CA ILE A 98 12.54 -14.15 8.25
C ILE A 98 13.94 -14.76 8.21
N ASP A 99 13.99 -16.07 7.93
CA ASP A 99 15.26 -16.78 7.94
C ASP A 99 16.24 -16.12 6.98
N ASN A 100 17.47 -15.88 7.46
CA ASN A 100 18.36 -14.96 6.74
C ASN A 100 18.80 -15.46 5.34
N ASP A 101 18.26 -16.55 4.81
CA ASP A 101 18.40 -16.88 3.40
C ASP A 101 17.05 -17.11 2.73
N THR A 102 15.98 -16.63 3.36
CA THR A 102 14.69 -16.50 2.71
C THR A 102 14.76 -15.40 1.66
N GLU A 103 14.00 -15.58 0.58
CA GLU A 103 13.95 -14.56 -0.46
C GLU A 103 13.37 -13.24 0.07
N LEU A 104 12.48 -13.32 1.07
CA LEU A 104 12.05 -12.11 1.76
C LEU A 104 13.19 -11.48 2.56
N SER A 105 14.10 -12.29 3.08
CA SER A 105 15.29 -11.74 3.73
C SER A 105 16.14 -10.97 2.74
N LYS A 106 16.26 -11.48 1.51
CA LYS A 106 16.97 -10.76 0.46
C LYS A 106 16.27 -9.48 0.06
N GLN A 107 15.05 -9.24 0.52
CA GLN A 107 14.32 -8.04 0.15
C GLN A 107 14.59 -6.86 1.08
N ILE A 108 15.42 -7.03 2.10
CA ILE A 108 15.58 -6.02 3.15
C ILE A 108 16.63 -4.99 2.71
N PHE A 109 16.30 -3.70 2.84
CA PHE A 109 17.29 -2.64 2.66
C PHE A 109 18.06 -2.44 3.97
N ARG A 110 19.36 -2.73 3.95
CA ARG A 110 20.17 -2.58 5.15
C ARG A 110 20.69 -1.16 5.26
N VAL A 111 20.78 -0.67 6.50
CA VAL A 111 21.31 0.65 6.79
C VAL A 111 22.42 0.51 7.82
N ASP A 112 23.63 0.93 7.45
CA ASP A 112 24.83 0.79 8.29
C ASP A 112 25.06 -0.71 8.49
N LYS A 113 25.37 -1.14 9.71
CA LYS A 113 25.61 -2.56 9.97
C LYS A 113 24.55 -3.20 10.85
N ASN A 114 23.78 -2.42 11.59
CA ASN A 114 22.86 -2.99 12.56
C ASN A 114 21.42 -2.50 12.41
N PHE A 115 21.10 -1.79 11.32
CA PHE A 115 19.79 -1.23 11.10
C PHE A 115 19.28 -1.62 9.71
N CYS A 116 17.99 -1.41 9.54
CA CYS A 116 17.38 -1.61 8.22
C CYS A 116 16.16 -0.72 8.12
N LEU A 117 15.67 -0.59 6.91
CA LEU A 117 14.37 0.02 6.72
C LEU A 117 13.28 -1.03 6.94
N ARG A 118 12.27 -0.69 7.72
CA ARG A 118 11.26 -1.69 8.06
C ARG A 118 10.57 -2.21 6.79
N PRO A 119 10.44 -3.53 6.62
CA PRO A 119 9.67 -4.07 5.48
C PRO A 119 8.20 -4.25 5.80
N MET A 120 7.81 -4.00 7.04
CA MET A 120 6.42 -4.12 7.49
C MET A 120 6.32 -3.42 8.83
N LEU A 121 5.08 -3.20 9.28
CA LEU A 121 4.83 -2.50 10.54
C LEU A 121 4.71 -3.45 11.72
N ALA A 122 4.52 -4.75 11.49
CA ALA A 122 4.17 -5.69 12.56
C ALA A 122 5.08 -5.65 13.77
N PRO A 123 6.42 -5.69 13.63
CA PRO A 123 7.23 -5.78 14.85
C PRO A 123 7.06 -4.60 15.78
N ASN A 124 7.01 -3.38 15.24
CA ASN A 124 6.82 -2.22 16.09
C ASN A 124 5.45 -2.26 16.74
N LEU A 125 4.45 -2.74 16.01
CA LEU A 125 3.11 -2.82 16.58
C LEU A 125 3.02 -3.91 17.64
N ALA A 126 3.72 -5.04 17.46
CA ALA A 126 3.79 -6.05 18.51
C ALA A 126 4.39 -5.48 19.79
N ASN A 127 5.42 -4.65 19.68
CA ASN A 127 6.00 -4.04 20.87
C ASN A 127 5.00 -3.11 21.55
N TYR A 128 4.25 -2.34 20.77
CA TYR A 128 3.25 -1.45 21.35
C TYR A 128 2.13 -2.24 22.01
N LEU A 129 1.66 -3.32 21.40
CA LEU A 129 0.60 -4.11 22.04
C LEU A 129 1.07 -4.59 23.41
N ARG A 130 2.29 -5.14 23.47
CA ARG A 130 2.81 -5.66 24.73
C ARG A 130 2.90 -4.56 25.78
N LYS A 131 3.45 -3.41 25.40
CA LYS A 131 3.64 -2.36 26.39
C LYS A 131 2.31 -1.73 26.81
N LEU A 132 1.43 -1.49 25.85
CA LEU A 132 0.16 -0.84 26.17
C LEU A 132 -0.76 -1.72 27.00
N ASP A 133 -0.64 -3.04 26.89
CA ASP A 133 -1.47 -3.94 27.66
C ASP A 133 -1.22 -3.81 29.16
N ARG A 134 -0.07 -3.25 29.56
CA ARG A 134 0.20 -2.99 30.97
C ARG A 134 -0.52 -1.76 31.50
N ALA A 135 -1.11 -0.93 30.63
CA ALA A 135 -1.70 0.33 31.07
C ALA A 135 -3.15 0.52 30.64
N LEU A 136 -3.56 -0.10 29.55
CA LEU A 136 -4.84 0.21 28.90
C LEU A 136 -5.84 -0.93 29.14
N PRO A 137 -7.14 -0.62 29.15
CA PRO A 137 -8.14 -1.66 29.33
C PRO A 137 -8.31 -2.52 28.09
N ASP A 138 -8.72 -3.77 28.33
CA ASP A 138 -9.00 -4.72 27.27
C ASP A 138 -10.23 -4.28 26.48
N PRO A 139 -10.19 -4.41 25.14
CA PRO A 139 -9.06 -4.86 24.33
C PRO A 139 -8.18 -3.70 23.91
N ILE A 140 -6.94 -4.03 23.56
CA ILE A 140 -5.99 -3.05 23.03
C ILE A 140 -6.17 -3.00 21.51
N LYS A 141 -6.43 -1.79 20.99
CA LYS A 141 -6.68 -1.59 19.56
C LYS A 141 -5.80 -0.47 19.07
N ILE A 142 -4.90 -0.77 18.11
CA ILE A 142 -3.95 0.21 17.62
C ILE A 142 -3.80 0.05 16.11
N PHE A 143 -3.28 1.09 15.46
CA PHE A 143 -3.00 0.97 14.03
C PHE A 143 -1.87 1.94 13.70
N GLU A 144 -1.20 1.68 12.57
CA GLU A 144 -0.20 2.58 12.04
C GLU A 144 -0.31 2.62 10.53
N ILE A 145 -0.03 3.80 9.96
CA ILE A 145 0.12 3.97 8.52
C ILE A 145 1.48 4.59 8.30
N GLY A 146 2.27 4.02 7.40
CA GLY A 146 3.50 4.71 7.03
C GLY A 146 4.36 3.92 6.07
N PRO A 147 5.50 4.49 5.73
CA PRO A 147 6.37 3.90 4.71
C PRO A 147 6.96 2.57 5.16
N CYS A 148 7.06 1.63 4.22
CA CYS A 148 7.77 0.36 4.36
C CYS A 148 8.55 0.10 3.07
N TYR A 149 9.55 -0.78 3.16
CA TYR A 149 10.58 -0.89 2.13
C TYR A 149 10.92 -2.35 1.88
N ARG A 150 10.90 -2.76 0.61
CA ARG A 150 11.29 -4.10 0.20
C ARG A 150 11.95 -4.01 -1.15
N LYS A 151 13.04 -4.75 -1.33
CA LYS A 151 13.59 -4.92 -2.67
C LYS A 151 12.65 -5.85 -3.43
N GLU A 152 12.27 -5.44 -4.64
CA GLU A 152 11.30 -6.20 -5.42
C GLU A 152 11.74 -6.28 -6.87
N SER A 153 11.31 -7.35 -7.54
CA SER A 153 11.44 -7.39 -8.98
C SER A 153 10.45 -6.41 -9.59
N ASP A 154 10.81 -5.88 -10.76
CA ASP A 154 9.94 -4.92 -11.43
C ASP A 154 8.58 -5.56 -11.69
N GLY A 155 7.53 -4.88 -11.26
CA GLY A 155 6.20 -5.39 -11.50
C GLY A 155 5.17 -4.28 -11.40
N LYS A 156 4.01 -4.55 -12.00
CA LYS A 156 2.91 -3.58 -12.02
C LYS A 156 2.23 -3.43 -10.67
N GLU A 157 2.51 -4.29 -9.69
CA GLU A 157 1.84 -4.25 -8.39
C GLU A 157 2.78 -4.09 -7.20
N HIS A 158 4.07 -3.90 -7.44
CA HIS A 158 5.05 -3.78 -6.38
C HIS A 158 5.84 -2.49 -6.51
N LEU A 159 6.10 -1.88 -5.36
CA LEU A 159 7.00 -0.75 -5.23
C LEU A 159 8.08 -1.11 -4.23
N GLU A 160 9.26 -0.53 -4.38
CA GLU A 160 10.25 -0.74 -3.36
C GLU A 160 10.02 0.12 -2.12
N GLU A 161 9.41 1.30 -2.30
CA GLU A 161 9.00 2.18 -1.21
C GLU A 161 7.48 2.28 -1.30
N PHE A 162 6.77 1.74 -0.33
CA PHE A 162 5.32 1.73 -0.37
C PHE A 162 4.82 2.17 1.01
N THR A 163 3.51 2.21 1.18
CA THR A 163 2.88 2.72 2.39
C THR A 163 1.95 1.63 2.90
N MET A 164 2.15 1.17 4.13
N MET A 164 2.15 1.21 4.14
CA MET A 164 1.32 0.12 4.69
CA MET A 164 1.37 0.16 4.77
C MET A 164 0.46 0.64 5.84
C MET A 164 0.42 0.77 5.79
N LEU A 165 -0.80 0.21 5.86
CA LEU A 165 -1.68 0.31 7.02
C LEU A 165 -1.64 -1.04 7.72
N ASN A 166 -1.43 -1.06 9.03
CA ASN A 166 -1.66 -2.27 9.80
C ASN A 166 -2.51 -1.86 10.98
N PHE A 167 -3.65 -2.52 11.12
CA PHE A 167 -4.43 -2.38 12.35
C PHE A 167 -4.42 -3.71 13.08
N CYS A 168 -4.51 -3.64 14.39
CA CYS A 168 -4.47 -4.87 15.15
C CYS A 168 -5.16 -4.66 16.48
N GLN A 169 -5.53 -5.79 17.09
CA GLN A 169 -6.25 -5.80 18.35
C GLN A 169 -5.73 -6.98 19.15
N MET A 170 -5.68 -6.81 20.48
CA MET A 170 -5.23 -7.89 21.35
C MET A 170 -6.12 -7.92 22.57
N GLY A 171 -6.53 -9.13 22.97
CA GLY A 171 -7.39 -9.35 24.12
C GLY A 171 -8.71 -9.95 23.69
N SER A 172 -9.81 -9.41 24.20
CA SER A 172 -11.09 -9.92 23.78
C SER A 172 -11.42 -9.47 22.36
N GLY A 173 -12.35 -10.21 21.75
CA GLY A 173 -12.83 -9.86 20.43
C GLY A 173 -11.89 -10.22 19.30
N CYS A 174 -10.89 -11.05 19.56
CA CYS A 174 -9.88 -11.35 18.54
C CYS A 174 -10.19 -12.67 17.85
N THR A 175 -11.30 -12.65 17.13
CA THR A 175 -11.80 -13.79 16.39
C THR A 175 -11.73 -13.54 14.89
N ARG A 176 -11.80 -14.64 14.12
CA ARG A 176 -11.87 -14.51 12.67
C ARG A 176 -13.07 -13.67 12.25
N GLU A 177 -14.23 -13.88 12.88
CA GLU A 177 -15.41 -13.14 12.47
C GLU A 177 -15.24 -11.64 12.70
N ASN A 178 -14.66 -11.25 13.82
CA ASN A 178 -14.49 -9.82 14.06
C ASN A 178 -13.45 -9.24 13.10
N LEU A 179 -12.38 -9.97 12.84
CA LEU A 179 -11.38 -9.51 11.87
C LEU A 179 -12.00 -9.29 10.49
N GLU A 180 -12.80 -10.28 10.03
CA GLU A 180 -13.48 -10.12 8.75
C GLU A 180 -14.45 -8.95 8.78
N SER A 181 -15.14 -8.75 9.90
CA SER A 181 -16.10 -7.65 9.99
CA SER A 181 -16.10 -7.65 9.97
C SER A 181 -15.40 -6.29 9.89
N ILE A 182 -14.22 -6.16 10.51
CA ILE A 182 -13.48 -4.89 10.43
C ILE A 182 -13.03 -4.65 9.01
N ILE A 183 -12.51 -5.68 8.35
CA ILE A 183 -12.06 -5.58 6.96
C ILE A 183 -13.22 -5.19 6.06
N THR A 184 -14.39 -5.80 6.30
CA THR A 184 -15.57 -5.51 5.50
C THR A 184 -16.02 -4.07 5.71
N ASP A 185 -16.06 -3.61 6.95
CA ASP A 185 -16.45 -2.22 7.21
C ASP A 185 -15.47 -1.25 6.55
N PHE A 186 -14.18 -1.54 6.70
CA PHE A 186 -13.13 -0.71 6.12
C PHE A 186 -13.24 -0.62 4.60
N LEU A 187 -13.29 -1.76 3.92
CA LEU A 187 -13.33 -1.70 2.46
C LEU A 187 -14.67 -1.20 1.95
N ASN A 188 -15.77 -1.44 2.68
CA ASN A 188 -17.04 -0.80 2.32
C ASN A 188 -16.91 0.72 2.43
N HIS A 189 -16.22 1.21 3.47
CA HIS A 189 -16.02 2.65 3.63
C HIS A 189 -15.28 3.23 2.42
N LEU A 190 -14.30 2.50 1.88
CA LEU A 190 -13.57 2.95 0.71
C LEU A 190 -14.25 2.61 -0.61
N GLY A 191 -15.31 1.82 -0.60
CA GLY A 191 -16.01 1.51 -1.84
C GLY A 191 -15.34 0.45 -2.71
N ILE A 192 -14.59 -0.46 -2.10
CA ILE A 192 -13.77 -1.44 -2.81
C ILE A 192 -14.32 -2.83 -2.55
N ASP A 193 -14.72 -3.51 -3.64
CA ASP A 193 -15.19 -4.89 -3.54
C ASP A 193 -14.03 -5.85 -3.31
N PHE A 194 -14.30 -6.95 -2.61
CA PHE A 194 -13.24 -7.90 -2.34
C PHE A 194 -13.82 -9.26 -2.01
N LYS A 195 -12.95 -10.26 -2.00
CA LYS A 195 -13.23 -11.58 -1.46
C LYS A 195 -12.09 -11.95 -0.54
N ILE A 196 -12.30 -12.94 0.32
CA ILE A 196 -11.26 -13.45 1.20
C ILE A 196 -10.88 -14.84 0.72
N VAL A 197 -9.57 -15.07 0.57
CA VAL A 197 -9.06 -16.38 0.19
C VAL A 197 -7.95 -16.76 1.15
N GLY A 198 -7.83 -18.05 1.44
CA GLY A 198 -6.74 -18.51 2.28
C GLY A 198 -5.43 -18.50 1.54
N ASP A 199 -4.36 -18.15 2.26
CA ASP A 199 -3.00 -18.26 1.74
C ASP A 199 -2.10 -18.54 2.93
N SER A 200 -0.79 -18.56 2.70
CA SER A 200 0.12 -18.83 3.79
C SER A 200 1.41 -18.08 3.52
N CYS A 201 2.06 -17.65 4.59
CA CYS A 201 3.33 -16.95 4.47
C CYS A 201 4.28 -17.43 5.55
N MET A 202 5.55 -17.11 5.37
CA MET A 202 6.55 -17.71 6.25
C MET A 202 6.52 -17.11 7.65
N VAL A 203 6.25 -15.82 7.76
CA VAL A 203 6.28 -15.15 9.06
C VAL A 203 5.12 -15.60 9.93
N PHE A 204 3.91 -15.52 9.39
CA PHE A 204 2.70 -15.67 10.19
C PHE A 204 2.00 -17.01 10.03
N GLY A 205 2.32 -17.78 8.98
CA GLY A 205 1.57 -19.00 8.72
C GLY A 205 0.37 -18.73 7.84
N ASP A 206 -0.77 -19.31 8.21
CA ASP A 206 -1.99 -19.15 7.42
C ASP A 206 -2.46 -17.71 7.46
N THR A 207 -2.81 -17.17 6.30
CA THR A 207 -3.35 -15.83 6.24
C THR A 207 -4.74 -15.84 5.62
N LEU A 208 -5.51 -14.81 5.91
CA LEU A 208 -6.72 -14.51 5.17
C LEU A 208 -6.34 -13.39 4.21
N ASP A 209 -6.18 -13.72 2.95
CA ASP A 209 -5.82 -12.70 1.98
C ASP A 209 -7.06 -12.02 1.44
N VAL A 210 -7.03 -10.70 1.43
CA VAL A 210 -8.11 -9.86 0.93
C VAL A 210 -7.79 -9.55 -0.53
N MET A 211 -8.61 -10.05 -1.46
CA MET A 211 -8.33 -10.01 -2.88
C MET A 211 -9.34 -9.12 -3.57
N HIS A 212 -8.87 -8.28 -4.47
CA HIS A 212 -9.73 -7.58 -5.42
C HIS A 212 -9.34 -8.15 -6.78
N GLY A 213 -10.15 -9.07 -7.30
CA GLY A 213 -9.73 -9.83 -8.48
C GLY A 213 -8.48 -10.61 -8.12
N ASP A 214 -7.46 -10.51 -8.95
N ASP A 214 -7.45 -10.51 -8.94
CA ASP A 214 -6.18 -11.17 -8.72
CA ASP A 214 -6.19 -11.19 -8.67
C ASP A 214 -5.18 -10.27 -7.99
C ASP A 214 -5.21 -10.33 -7.87
N LEU A 215 -5.63 -9.14 -7.44
CA LEU A 215 -4.75 -8.23 -6.71
C LEU A 215 -4.92 -8.43 -5.22
N GLU A 216 -3.81 -8.71 -4.53
CA GLU A 216 -3.81 -8.88 -3.08
C GLU A 216 -3.79 -7.51 -2.40
N LEU A 217 -4.88 -7.16 -1.75
CA LEU A 217 -4.94 -5.90 -1.01
C LEU A 217 -4.35 -6.04 0.39
N SER A 218 -4.53 -7.21 1.02
CA SER A 218 -4.08 -7.37 2.39
C SER A 218 -3.81 -8.83 2.67
N SER A 219 -2.92 -9.07 3.61
CA SER A 219 -2.88 -10.32 4.38
C SER A 219 -3.27 -10.02 5.82
N ALA A 220 -4.18 -10.84 6.36
CA ALA A 220 -4.67 -10.72 7.72
C ALA A 220 -4.42 -12.03 8.46
N VAL A 221 -4.29 -11.95 9.78
CA VAL A 221 -3.87 -13.07 10.60
C VAL A 221 -4.73 -13.10 11.86
N VAL A 222 -5.16 -14.30 12.25
CA VAL A 222 -5.77 -14.53 13.56
C VAL A 222 -4.75 -15.28 14.41
N GLY A 223 -4.31 -14.66 15.50
CA GLY A 223 -3.43 -15.33 16.43
C GLY A 223 -4.20 -16.23 17.35
N PRO A 224 -3.52 -16.85 18.30
CA PRO A 224 -2.07 -16.80 18.55
C PRO A 224 -1.29 -17.57 17.50
N ILE A 225 -0.01 -17.25 17.35
CA ILE A 225 0.90 -18.00 16.48
C ILE A 225 2.18 -18.24 17.28
N PRO A 226 2.99 -19.22 16.87
CA PRO A 226 4.19 -19.53 17.67
C PRO A 226 5.14 -18.35 17.86
N LEU A 227 5.19 -17.43 16.89
CA LEU A 227 6.07 -16.27 16.97
C LEU A 227 5.77 -15.38 18.17
N ASP A 228 4.56 -15.46 18.72
CA ASP A 228 4.14 -14.57 19.81
C ASP A 228 5.13 -14.59 20.97
N ARG A 229 5.61 -15.76 21.36
CA ARG A 229 6.46 -15.87 22.53
C ARG A 229 7.73 -15.03 22.36
N GLU A 230 8.26 -14.97 21.14
CA GLU A 230 9.48 -14.24 20.88
C GLU A 230 9.29 -12.74 21.01
N TRP A 231 8.04 -12.28 21.04
CA TRP A 231 7.70 -10.87 21.12
C TRP A 231 6.96 -10.54 22.41
N GLY A 232 6.85 -11.50 23.34
CA GLY A 232 6.16 -11.23 24.59
C GLY A 232 4.67 -11.06 24.46
N ILE A 233 4.08 -11.55 23.38
CA ILE A 233 2.65 -11.46 23.16
C ILE A 233 2.06 -12.73 23.73
N ASP A 234 1.08 -12.59 24.62
CA ASP A 234 0.59 -13.74 25.38
C ASP A 234 -0.92 -13.74 25.49
N LYS A 235 -1.59 -13.08 24.55
CA LYS A 235 -3.04 -13.02 24.49
C LYS A 235 -3.48 -13.23 23.04
N PRO A 236 -4.76 -13.55 22.83
CA PRO A 236 -5.29 -13.60 21.46
C PRO A 236 -5.11 -12.26 20.78
N TRP A 237 -4.99 -12.28 19.45
CA TRP A 237 -4.83 -11.04 18.70
C TRP A 237 -5.28 -11.30 17.28
N ILE A 238 -5.60 -10.20 16.61
CA ILE A 238 -5.91 -10.20 15.18
C ILE A 238 -5.24 -9.00 14.55
N GLY A 239 -4.96 -9.09 13.26
CA GLY A 239 -4.33 -7.96 12.60
C GLY A 239 -4.33 -8.12 11.10
N ALA A 240 -4.20 -6.99 10.40
CA ALA A 240 -4.18 -7.03 8.93
C ALA A 240 -3.31 -5.90 8.43
N GLY A 241 -2.59 -6.17 7.35
CA GLY A 241 -1.77 -5.18 6.68
C GLY A 241 -2.22 -4.96 5.26
N PHE A 242 -2.40 -3.69 4.89
CA PHE A 242 -2.89 -3.26 3.58
C PHE A 242 -1.88 -2.30 2.94
N GLY A 243 -1.67 -2.45 1.64
CA GLY A 243 -0.90 -1.43 0.92
C GLY A 243 -1.75 -0.29 0.40
N LEU A 244 -1.43 0.93 0.80
CA LEU A 244 -2.22 2.09 0.36
C LEU A 244 -2.11 2.32 -1.15
N GLU A 245 -0.93 2.15 -1.74
CA GLU A 245 -0.80 2.33 -3.19
C GLU A 245 -1.64 1.32 -3.96
N ARG A 246 -1.78 0.09 -3.45
CA ARG A 246 -2.68 -0.86 -4.09
C ARG A 246 -4.13 -0.41 -3.98
N LEU A 247 -4.54 0.12 -2.82
CA LEU A 247 -5.90 0.65 -2.72
C LEU A 247 -6.12 1.77 -3.75
N LEU A 248 -5.13 2.67 -3.89
CA LEU A 248 -5.25 3.75 -4.86
C LEU A 248 -5.29 3.22 -6.30
N LYS A 249 -4.52 2.16 -6.59
CA LYS A 249 -4.55 1.57 -7.92
C LYS A 249 -5.96 1.08 -8.25
N VAL A 250 -6.62 0.45 -7.29
CA VAL A 250 -8.00 -0.01 -7.52
C VAL A 250 -8.93 1.18 -7.70
N LYS A 251 -8.83 2.16 -6.80
CA LYS A 251 -9.77 3.29 -6.80
C LYS A 251 -9.70 4.07 -8.09
N HIS A 252 -8.51 4.23 -8.64
CA HIS A 252 -8.31 5.08 -9.81
C HIS A 252 -8.06 4.29 -11.10
N ASP A 253 -8.13 2.96 -11.05
N ASP A 253 -8.15 2.96 -11.07
CA ASP A 253 -7.97 2.11 -12.23
CA ASP A 253 -7.97 2.13 -12.25
C ASP A 253 -6.61 2.31 -12.91
C ASP A 253 -6.61 2.31 -12.91
N PHE A 254 -5.57 2.55 -12.11
CA PHE A 254 -4.22 2.71 -12.68
C PHE A 254 -3.74 1.37 -13.26
N LYS A 255 -3.04 1.42 -14.40
CA LYS A 255 -2.48 0.19 -14.95
C LYS A 255 -1.25 -0.24 -14.19
N ASN A 256 -0.51 0.73 -13.66
CA ASN A 256 0.73 0.45 -12.94
C ASN A 256 0.67 1.16 -11.60
N ILE A 257 1.11 0.45 -10.57
CA ILE A 257 1.15 1.01 -9.23
C ILE A 257 2.06 2.24 -9.09
N LYS A 258 2.99 2.42 -10.02
CA LYS A 258 3.87 3.58 -9.94
C LYS A 258 3.10 4.89 -9.94
N ARG A 259 1.90 4.90 -10.55
CA ARG A 259 1.07 6.10 -10.58
C ARG A 259 0.68 6.55 -9.21
N ALA A 260 0.68 5.63 -8.25
CA ALA A 260 0.21 5.89 -6.90
C ALA A 260 1.34 6.16 -5.93
N ALA A 261 2.59 5.95 -6.33
CA ALA A 261 3.71 5.93 -5.40
C ALA A 261 4.19 7.34 -5.06
N ARG A 262 4.93 7.43 -3.95
CA ARG A 262 5.84 8.56 -3.76
C ARG A 262 6.73 8.66 -4.96
N SER A 263 6.77 9.84 -5.55
CA SER A 263 7.43 9.89 -6.84
C SER A 263 7.63 11.34 -7.17
N GLY A 264 8.71 11.59 -7.88
CA GLY A 264 8.81 12.84 -8.58
C GLY A 264 8.23 12.79 -9.97
N SER A 265 7.78 11.61 -10.42
CA SER A 265 7.38 11.40 -11.81
CA SER A 265 7.37 11.41 -11.81
C SER A 265 5.87 11.45 -12.03
N TYR A 266 5.07 11.33 -10.97
CA TYR A 266 3.61 11.42 -11.06
C TYR A 266 3.09 12.17 -9.87
N TYR A 267 2.11 13.05 -10.11
CA TYR A 267 1.39 13.72 -9.04
C TYR A 267 -0.07 13.29 -9.16
N ASN A 268 -0.58 12.58 -8.18
CA ASN A 268 -1.96 12.12 -8.22
C ASN A 268 -2.27 11.42 -9.53
N GLY A 269 -1.32 10.59 -9.98
CA GLY A 269 -1.49 9.82 -11.20
C GLY A 269 -1.22 10.56 -12.48
N ILE A 270 -0.87 11.84 -12.43
N ILE A 270 -0.87 11.85 -12.42
CA ILE A 270 -0.62 12.65 -13.61
CA ILE A 270 -0.63 12.67 -13.60
C ILE A 270 0.88 12.80 -13.78
C ILE A 270 0.88 12.82 -13.78
N SER A 271 1.38 12.53 -14.98
CA SER A 271 2.79 12.72 -15.25
C SER A 271 3.24 14.14 -14.90
N THR A 272 4.38 14.25 -14.23
CA THR A 272 5.02 15.54 -13.98
C THR A 272 6.03 15.89 -15.07
N ASN A 273 6.13 15.06 -16.12
CA ASN A 273 7.01 15.31 -17.24
C ASN A 273 6.19 15.90 -18.39
N LEU A 274 5.87 17.18 -18.24
CA LEU A 274 4.96 17.88 -19.14
C LEU A 274 5.66 19.00 -19.93
#